data_4MGC
#
_entry.id   4MGC
#
_cell.length_a   56.020
_cell.length_b   83.870
_cell.length_c   58.400
_cell.angle_alpha   90.00
_cell.angle_beta   109.00
_cell.angle_gamma   90.00
#
_symmetry.space_group_name_H-M   'P 1 21 1'
#
loop_
_entity.id
_entity.type
_entity.pdbx_description
1 polymer 'Estrogen receptor'
2 polymer 'Nuclear receptor coactivator 1'
3 non-polymer bis(2,4-dihydroxyphenyl)methanone
4 non-polymer GLYCEROL
5 water water
#
loop_
_entity_poly.entity_id
_entity_poly.type
_entity_poly.pdbx_seq_one_letter_code
_entity_poly.pdbx_strand_id
1 'polypeptide(L)'
;GSHMKKNSLALSLTADQMVSALLDAEPPILYSEYDPTRPFSEASMMGLLTNLADRELVHMINWAKRVPGFVDLTLHDQVH
LLE(CSO)AWLEILMIGLVWRSMEHPGKLLFAPNLLLDRNQGK(CSO)VEGMVEIFDMLLATSSRFRMMNLQGEEFVCLK
SIILLNSGVYTFLSSTLKSLEEKDHIHRVLDKITDTLIHLMAKAGLTLQQQHQRLAQLLLILSHIRHMSNKGMEHLYSMK
(CSO)KNVVPLSDLLLEMLDAHRLHAP
;
A,B
2 'polypeptide(L)' RHKILHRLLQEGS F,G
#
loop_
_chem_comp.id
_chem_comp.type
_chem_comp.name
_chem_comp.formula
27M non-polymer bis(2,4-dihydroxyphenyl)methanone 'C13 H10 O5'
GOL non-polymer GLYCEROL 'C3 H8 O3'
#
# COMPACT_ATOMS: atom_id res chain seq x y z
N LEU A 9 -0.42 -27.86 10.76
CA LEU A 9 -0.07 -26.89 11.79
C LEU A 9 -1.01 -25.68 11.73
N ALA A 10 -0.51 -24.59 11.15
CA ALA A 10 -1.30 -23.36 11.07
C ALA A 10 -2.66 -23.58 10.42
N LEU A 11 -2.68 -24.38 9.37
CA LEU A 11 -3.92 -24.61 8.62
C LEU A 11 -4.93 -25.44 9.43
N SER A 12 -4.48 -26.01 10.54
CA SER A 12 -5.36 -26.83 11.37
C SER A 12 -5.97 -26.01 12.51
N LEU A 13 -5.46 -24.81 12.72
CA LEU A 13 -5.92 -23.96 13.83
C LEU A 13 -7.35 -23.46 13.62
N THR A 14 -8.05 -23.27 14.73
CA THR A 14 -9.36 -22.64 14.71
C THR A 14 -9.19 -21.14 14.80
N ALA A 15 -10.26 -20.40 14.52
CA ALA A 15 -10.23 -18.95 14.63
C ALA A 15 -9.77 -18.53 16.03
N ASP A 16 -10.34 -19.14 17.05
CA ASP A 16 -9.96 -18.81 18.43
C ASP A 16 -8.52 -19.20 18.75
N GLN A 17 -8.08 -20.33 18.20
CA GLN A 17 -6.71 -20.77 18.39
C GLN A 17 -5.72 -19.81 17.72
N MET A 18 -6.06 -19.32 16.53
CA MET A 18 -5.23 -18.33 15.84
C MET A 18 -5.08 -17.06 16.66
N VAL A 19 -6.21 -16.51 17.12
CA VAL A 19 -6.22 -15.35 18.00
C VAL A 19 -5.32 -15.54 19.22
N SER A 20 -5.46 -16.69 19.88
CA SER A 20 -4.65 -17.00 21.06
C SER A 20 -3.16 -17.04 20.74
N ALA A 21 -2.82 -17.72 19.65
CA ALA A 21 -1.42 -17.81 19.24
C ALA A 21 -0.85 -16.43 18.98
N LEU A 22 -1.61 -15.60 18.26
CA LEU A 22 -1.15 -14.25 17.92
C LEU A 22 -1.02 -13.37 19.15
N LEU A 23 -1.99 -13.45 20.06
CA LEU A 23 -1.94 -12.69 21.30
C LEU A 23 -0.76 -13.12 22.18
N ASP A 24 -0.47 -14.41 22.19
CA ASP A 24 0.62 -14.92 23.01
C ASP A 24 1.98 -14.57 22.43
N ALA A 25 2.04 -14.39 21.11
CA ALA A 25 3.29 -14.08 20.44
C ALA A 25 3.69 -12.61 20.55
N GLU A 26 2.75 -11.77 20.96
CA GLU A 26 2.99 -10.32 21.02
C GLU A 26 4.29 -9.96 21.73
N PRO A 27 5.06 -9.05 21.13
CA PRO A 27 6.29 -8.56 21.75
C PRO A 27 5.98 -7.55 22.84
N PRO A 28 6.94 -7.31 23.75
CA PRO A 28 6.73 -6.36 24.85
C PRO A 28 6.87 -4.92 24.40
N ILE A 29 6.24 -4.00 25.13
CA ILE A 29 6.44 -2.58 24.88
C ILE A 29 7.73 -2.14 25.57
N LEU A 30 8.67 -1.64 24.78
CA LEU A 30 9.98 -1.27 25.31
C LEU A 30 9.99 0.17 25.81
N TYR A 31 10.97 0.49 26.64
CA TYR A 31 11.16 1.87 27.10
C TYR A 31 12.30 2.53 26.33
N SER A 32 12.27 3.85 26.29
CA SER A 32 13.36 4.60 25.69
C SER A 32 14.39 4.89 26.77
N GLU A 33 15.62 5.18 26.35
CA GLU A 33 16.67 5.59 27.28
C GLU A 33 16.53 7.07 27.56
N TYR A 34 15.53 7.68 26.94
CA TYR A 34 15.31 9.12 27.01
C TYR A 34 15.40 9.70 28.42
N ASP A 35 16.22 10.75 28.55
CA ASP A 35 16.30 11.53 29.78
C ASP A 35 15.43 12.78 29.64
N PRO A 36 14.26 12.78 30.30
CA PRO A 36 13.21 13.79 30.14
C PRO A 36 13.55 15.16 30.72
N THR A 37 14.74 15.29 31.31
CA THR A 37 15.15 16.57 31.91
C THR A 37 16.06 17.36 30.99
N ARG A 38 16.32 16.82 29.81
CA ARG A 38 17.20 17.47 28.84
C ARG A 38 16.41 18.26 27.80
N PHE A 40 16.09 18.11 23.82
CA PHE A 40 15.79 17.61 22.48
C PHE A 40 16.49 18.41 21.38
N SER A 41 17.40 17.73 20.67
CA SER A 41 17.97 18.26 19.45
C SER A 41 17.64 17.28 18.34
N GLU A 42 17.94 17.65 17.09
CA GLU A 42 17.67 16.76 15.97
C GLU A 42 18.43 15.45 16.10
N ALA A 43 19.73 15.54 16.41
CA ALA A 43 20.54 14.35 16.60
C ALA A 43 20.06 13.59 17.82
N SER A 44 19.64 14.33 18.83
CA SER A 44 19.13 13.74 20.06
C SER A 44 17.90 12.87 19.77
N MET A 45 16.88 13.47 19.18
CA MET A 45 15.61 12.79 18.92
C MET A 45 15.77 11.62 17.96
N MET A 46 16.59 11.80 16.93
CA MET A 46 16.80 10.76 15.93
C MET A 46 17.52 9.55 16.51
N GLY A 47 18.51 9.79 17.37
CA GLY A 47 19.23 8.72 18.03
C GLY A 47 18.31 7.88 18.88
N LEU A 48 17.36 8.54 19.55
CA LEU A 48 16.39 7.84 20.37
C LEU A 48 15.47 6.95 19.52
N LEU A 49 15.04 7.48 18.38
CA LEU A 49 14.12 6.71 17.53
C LEU A 49 14.81 5.49 16.94
N THR A 50 16.03 5.67 16.44
CA THR A 50 16.75 4.59 15.78
C THR A 50 17.20 3.55 16.80
N ASN A 51 17.55 4.00 18.00
CA ASN A 51 17.87 3.10 19.10
C ASN A 51 16.65 2.24 19.41
N LEU A 52 15.50 2.89 19.50
CA LEU A 52 14.26 2.19 19.79
C LEU A 52 13.92 1.21 18.66
N ALA A 53 14.02 1.69 17.43
CA ALA A 53 13.70 0.86 16.26
C ALA A 53 14.54 -0.40 16.19
N ASP A 54 15.84 -0.24 16.45
CA ASP A 54 16.77 -1.38 16.45
C ASP A 54 16.34 -2.44 17.47
N ARG A 55 16.00 -2.00 18.67
CA ARG A 55 15.60 -2.93 19.73
C ARG A 55 14.26 -3.59 19.43
N GLU A 56 13.30 -2.81 18.93
CA GLU A 56 12.01 -3.37 18.55
C GLU A 56 12.17 -4.42 17.46
N LEU A 57 13.11 -4.17 16.55
CA LEU A 57 13.39 -5.10 15.47
C LEU A 57 13.82 -6.49 15.97
N VAL A 58 14.70 -6.52 16.96
CA VAL A 58 15.15 -7.79 17.51
C VAL A 58 13.97 -8.60 18.06
N HIS A 59 13.04 -7.91 18.73
CA HIS A 59 11.85 -8.59 19.26
C HIS A 59 10.89 -8.99 18.16
N MET A 60 10.82 -8.18 17.10
CA MET A 60 9.96 -8.48 15.95
C MET A 60 10.36 -9.80 15.31
N ILE A 61 11.66 -10.02 15.18
CA ILE A 61 12.15 -11.24 14.55
C ILE A 61 11.68 -12.47 15.32
N ASN A 62 11.78 -12.40 16.65
CA ASN A 62 11.31 -13.51 17.48
C ASN A 62 9.80 -13.66 17.41
N TRP A 63 9.09 -12.54 17.29
CA TRP A 63 7.64 -12.58 17.14
C TRP A 63 7.23 -13.24 15.82
N ALA A 64 7.90 -12.88 14.74
CA ALA A 64 7.58 -13.44 13.43
C ALA A 64 7.64 -14.96 13.48
N LYS A 65 8.62 -15.49 14.20
CA LYS A 65 8.78 -16.93 14.29
C LYS A 65 7.59 -17.60 14.94
N ARG A 66 6.84 -16.84 15.75
CA ARG A 66 5.68 -17.38 16.45
C ARG A 66 4.37 -17.17 15.67
N VAL A 67 4.43 -16.43 14.58
CA VAL A 67 3.26 -16.30 13.72
C VAL A 67 3.03 -17.62 13.01
N PRO A 68 1.84 -18.21 13.19
CA PRO A 68 1.55 -19.52 12.61
C PRO A 68 1.78 -19.56 11.11
N GLY A 69 2.59 -20.50 10.66
CA GLY A 69 2.87 -20.66 9.25
C GLY A 69 4.21 -20.12 8.80
N PHE A 70 4.76 -19.18 9.56
CA PHE A 70 5.99 -18.49 9.17
C PHE A 70 7.21 -19.41 9.14
N VAL A 71 7.39 -20.22 10.18
CA VAL A 71 8.55 -21.10 10.24
C VAL A 71 8.47 -22.27 9.25
N ASP A 72 7.32 -22.41 8.60
CA ASP A 72 7.18 -23.41 7.55
C ASP A 72 7.89 -22.99 6.26
N LEU A 73 8.26 -21.70 6.19
CA LEU A 73 8.91 -21.16 5.00
C LEU A 73 10.42 -21.33 5.11
N THR A 74 11.09 -21.36 3.96
CA THR A 74 12.55 -21.44 3.94
C THR A 74 13.14 -20.20 4.59
N LEU A 75 14.36 -20.34 5.10
CA LEU A 75 15.08 -19.22 5.67
C LEU A 75 15.09 -18.04 4.70
N HIS A 76 15.27 -18.32 3.42
CA HIS A 76 15.33 -17.28 2.40
C HIS A 76 14.03 -16.49 2.33
N ASP A 77 12.92 -17.21 2.36
CA ASP A 77 11.61 -16.56 2.27
C ASP A 77 11.27 -15.78 3.54
N GLN A 78 11.71 -16.28 4.69
CA GLN A 78 11.48 -15.58 5.95
C GLN A 78 12.21 -14.25 5.94
N VAL A 79 13.47 -14.29 5.50
CA VAL A 79 14.27 -13.09 5.38
C VAL A 79 13.60 -12.07 4.46
N HIS A 80 13.15 -12.53 3.31
CA HIS A 80 12.52 -11.66 2.32
C HIS A 80 11.28 -10.95 2.87
N LEU A 81 10.42 -11.71 3.55
CA LEU A 81 9.20 -11.14 4.10
C LEU A 81 9.50 -10.08 5.16
N LEU A 82 10.42 -10.40 6.07
CA LEU A 82 10.80 -9.49 7.12
C LEU A 82 11.49 -8.24 6.56
N GLU A 83 12.38 -8.44 5.59
CA GLU A 83 13.07 -7.33 4.95
C GLU A 83 12.08 -6.35 4.30
N CSO A 84 11.03 -6.86 3.69
CA CSO A 84 10.05 -6.02 3.00
CA CSO A 84 10.08 -5.97 3.03
CB CSO A 84 9.26 -6.87 1.99
CB CSO A 84 9.36 -6.64 1.84
SG CSO A 84 7.96 -5.88 1.21
SG CSO A 84 10.55 -7.46 0.74
C CSO A 84 9.08 -5.32 3.97
O CSO A 84 8.75 -4.15 3.78
OD CSO A 84 8.70 -4.81 -0.03
OD CSO A 84 9.80 -7.77 -0.84
N ALA A 85 8.66 -6.03 5.00
CA ALA A 85 7.60 -5.55 5.89
C ALA A 85 8.05 -4.86 7.19
N TRP A 86 9.35 -4.89 7.49
CA TRP A 86 9.80 -4.51 8.84
C TRP A 86 9.33 -3.12 9.32
N LEU A 87 9.38 -2.12 8.46
CA LEU A 87 8.98 -0.77 8.88
C LEU A 87 7.45 -0.62 8.95
N GLU A 88 6.73 -1.33 8.09
CA GLU A 88 5.28 -1.38 8.18
C GLU A 88 4.86 -1.91 9.55
N ILE A 89 5.52 -2.97 9.97
CA ILE A 89 5.20 -3.64 11.22
C ILE A 89 5.51 -2.74 12.42
N LEU A 90 6.68 -2.10 12.40
CA LEU A 90 7.03 -1.12 13.42
C LEU A 90 5.98 -0.02 13.50
N MET A 91 5.58 0.50 12.33
CA MET A 91 4.67 1.64 12.29
C MET A 91 3.26 1.32 12.77
N ILE A 92 2.70 0.19 12.34
CA ILE A 92 1.35 -0.17 12.79
C ILE A 92 1.34 -0.43 14.29
N GLY A 93 2.44 -0.95 14.83
CA GLY A 93 2.60 -1.11 16.26
C GLY A 93 2.57 0.23 16.95
N LEU A 94 3.31 1.19 16.41
CA LEU A 94 3.36 2.55 16.93
C LEU A 94 1.97 3.20 16.92
N VAL A 95 1.30 3.08 15.77
CA VAL A 95 -0.04 3.63 15.62
C VAL A 95 -1.00 3.02 16.65
N TRP A 96 -0.92 1.70 16.84
CA TRP A 96 -1.75 1.02 17.83
C TRP A 96 -1.50 1.52 19.25
N ARG A 97 -0.24 1.71 19.62
CA ARG A 97 0.11 2.19 20.95
C ARG A 97 -0.40 3.62 21.18
N SER A 98 -0.46 4.41 20.11
CA SER A 98 -0.79 5.82 20.20
C SER A 98 -2.30 6.06 20.11
N MET A 99 -3.05 5.00 19.84
CA MET A 99 -4.48 5.10 19.61
C MET A 99 -5.22 5.92 20.66
N GLU A 100 -4.92 5.65 21.93
CA GLU A 100 -5.61 6.35 23.02
C GLU A 100 -4.93 7.66 23.42
N HIS A 101 -4.10 8.20 22.52
CA HIS A 101 -3.41 9.45 22.80
C HIS A 101 -3.53 10.41 21.63
N PRO A 102 -4.75 10.91 21.40
CA PRO A 102 -5.04 11.82 20.28
C PRO A 102 -3.97 12.89 20.13
N GLY A 103 -3.38 12.97 18.95
CA GLY A 103 -2.39 14.00 18.67
C GLY A 103 -0.98 13.65 19.08
N LYS A 104 -0.80 12.49 19.71
CA LYS A 104 0.51 12.10 20.19
C LYS A 104 0.94 10.74 19.64
N LEU A 105 2.25 10.53 19.57
CA LEU A 105 2.81 9.25 19.16
C LEU A 105 3.57 8.63 20.32
N LEU A 106 3.04 7.51 20.83
CA LEU A 106 3.67 6.83 21.94
C LEU A 106 4.75 5.87 21.45
N PHE A 107 5.93 6.41 21.16
CA PHE A 107 7.05 5.59 20.74
C PHE A 107 7.41 4.64 21.87
N ALA A 108 7.35 5.15 23.10
CA ALA A 108 7.54 4.37 24.32
C ALA A 108 6.72 5.02 25.44
N PRO A 109 6.50 4.31 26.56
CA PRO A 109 5.72 4.90 27.64
C PRO A 109 6.36 6.17 28.18
N ASN A 110 7.68 6.23 28.14
CA ASN A 110 8.40 7.44 28.52
C ASN A 110 8.85 8.26 27.31
N LEU A 111 8.25 7.98 26.15
CA LEU A 111 8.54 8.78 24.96
C LEU A 111 7.27 9.03 24.15
N LEU A 112 6.46 9.96 24.66
CA LEU A 112 5.20 10.34 24.04
C LEU A 112 5.41 11.68 23.35
N LEU A 113 5.49 11.66 22.04
CA LEU A 113 5.80 12.86 21.27
C LEU A 113 4.57 13.42 20.56
N ASP A 114 4.24 14.67 20.82
CA ASP A 114 3.15 15.30 20.11
C ASP A 114 3.58 15.77 18.73
N ARG A 115 2.61 16.16 17.93
CA ARG A 115 2.81 16.50 16.52
C ARG A 115 3.95 17.49 16.27
N ASN A 116 4.01 18.54 17.07
CA ASN A 116 4.99 19.61 16.85
C ASN A 116 6.45 19.22 17.11
N GLN A 117 6.65 18.17 17.90
CA GLN A 117 8.02 17.73 18.20
C GLN A 117 8.65 16.99 17.02
N GLY A 118 7.81 16.58 16.07
CA GLY A 118 8.31 16.00 14.84
C GLY A 118 9.08 17.01 14.02
N LYS A 119 8.84 18.29 14.29
CA LYS A 119 9.54 19.37 13.60
C LYS A 119 11.01 19.46 13.97
N CSO A 120 11.40 18.89 15.10
CA CSO A 120 12.82 18.90 15.50
CB CSO A 120 13.03 18.45 16.95
SG CSO A 120 11.78 19.16 18.04
C CSO A 120 13.71 18.10 14.56
O CSO A 120 14.94 18.23 14.61
OD CSO A 120 12.52 20.37 19.11
N VAL A 121 13.11 17.28 13.71
CA VAL A 121 13.86 16.49 12.73
C VAL A 121 13.41 16.83 11.32
N GLU A 122 14.37 17.14 10.45
CA GLU A 122 14.06 17.53 9.08
C GLU A 122 13.25 16.46 8.38
N GLY A 123 12.06 16.83 7.90
CA GLY A 123 11.22 15.94 7.14
C GLY A 123 10.43 14.94 7.98
N MET A 124 10.57 15.03 9.31
CA MET A 124 9.89 14.11 10.19
C MET A 124 8.41 14.42 10.34
N VAL A 125 8.06 15.70 10.37
CA VAL A 125 6.68 16.11 10.66
C VAL A 125 5.67 15.52 9.66
N GLU A 126 6.06 15.43 8.39
CA GLU A 126 5.17 14.83 7.39
C GLU A 126 4.85 13.38 7.75
N ILE A 127 5.86 12.66 8.23
CA ILE A 127 5.67 11.28 8.62
C ILE A 127 4.79 11.22 9.87
N PHE A 128 5.08 12.06 10.86
CA PHE A 128 4.24 12.16 12.05
C PHE A 128 2.77 12.38 11.70
N ASP A 129 2.51 13.28 10.75
CA ASP A 129 1.13 13.58 10.36
C ASP A 129 0.39 12.39 9.79
N MET A 130 1.10 11.53 9.05
CA MET A 130 0.48 10.34 8.47
C MET A 130 0.22 9.28 9.53
N LEU A 131 1.16 9.15 10.47
CA LEU A 131 1.00 8.21 11.58
C LEU A 131 -0.15 8.62 12.48
N LEU A 132 -0.26 9.92 12.75
CA LEU A 132 -1.33 10.44 13.59
C LEU A 132 -2.69 10.27 12.95
N ALA A 133 -2.76 10.48 11.64
CA ALA A 133 -4.02 10.30 10.91
C ALA A 133 -4.46 8.86 10.96
N THR A 134 -3.51 7.94 10.88
CA THR A 134 -3.82 6.51 10.96
C THR A 134 -4.36 6.15 12.35
N SER A 135 -3.74 6.69 13.39
CA SER A 135 -4.18 6.44 14.76
CA SER A 135 -4.19 6.43 14.74
C SER A 135 -5.60 6.95 14.96
N SER A 136 -5.90 8.11 14.38
CA SER A 136 -7.25 8.68 14.46
C SER A 136 -8.24 7.77 13.74
N ARG A 137 -7.83 7.25 12.60
CA ARG A 137 -8.66 6.31 11.86
C ARG A 137 -8.95 5.07 12.71
N PHE A 138 -7.93 4.59 13.41
CA PHE A 138 -8.08 3.47 14.33
C PHE A 138 -9.10 3.78 15.42
N ARG A 139 -9.02 4.96 16.00
CA ARG A 139 -9.98 5.41 17.00
C ARG A 139 -11.39 5.45 16.43
N MET A 140 -11.53 6.14 15.30
CA MET A 140 -12.81 6.29 14.63
C MET A 140 -13.48 4.93 14.38
N MET A 141 -12.68 3.91 14.11
CA MET A 141 -13.20 2.56 13.85
C MET A 141 -13.30 1.74 15.12
N ASN A 142 -12.73 2.24 16.20
CA ASN A 142 -12.64 1.49 17.45
C ASN A 142 -11.94 0.16 17.23
N LEU A 143 -10.76 0.19 16.62
CA LEU A 143 -9.99 -1.02 16.38
C LEU A 143 -9.73 -1.80 17.68
N GLN A 144 -9.92 -3.12 17.62
CA GLN A 144 -9.72 -3.96 18.80
C GLN A 144 -8.34 -4.62 18.79
N GLY A 145 -7.86 -5.01 19.96
CA GLY A 145 -6.57 -5.65 20.08
C GLY A 145 -6.45 -6.91 19.25
N GLU A 146 -7.52 -7.69 19.21
CA GLU A 146 -7.54 -8.94 18.46
C GLU A 146 -7.48 -8.70 16.94
N GLU A 147 -8.09 -7.62 16.49
CA GLU A 147 -8.04 -7.24 15.08
C GLU A 147 -6.64 -6.75 14.74
N PHE A 148 -6.08 -5.94 15.64
CA PHE A 148 -4.73 -5.42 15.47
C PHE A 148 -3.72 -6.53 15.16
N VAL A 149 -3.66 -7.54 16.02
CA VAL A 149 -2.67 -8.60 15.85
C VAL A 149 -2.88 -9.38 14.55
N CYS A 150 -4.14 -9.50 14.12
CA CYS A 150 -4.43 -10.11 12.82
C CYS A 150 -3.83 -9.26 11.69
N LEU A 151 -4.11 -7.96 11.73
CA LEU A 151 -3.62 -7.05 10.71
C LEU A 151 -2.11 -7.10 10.60
N LYS A 152 -1.45 -7.12 11.75
CA LYS A 152 0.00 -7.13 11.79
C LYS A 152 0.58 -8.41 11.18
N SER A 153 -0.06 -9.54 11.44
CA SER A 153 0.35 -10.80 10.82
C SER A 153 0.14 -10.79 9.31
N ILE A 154 -0.97 -10.19 8.88
CA ILE A 154 -1.29 -10.06 7.46
C ILE A 154 -0.18 -9.31 6.71
N ILE A 155 0.31 -8.23 7.32
CA ILE A 155 1.38 -7.42 6.73
C ILE A 155 2.66 -8.24 6.55
N LEU A 156 3.03 -8.98 7.59
CA LEU A 156 4.19 -9.87 7.52
C LEU A 156 4.13 -10.80 6.33
N LEU A 157 3.00 -11.50 6.18
CA LEU A 157 2.86 -12.51 5.15
C LEU A 157 2.57 -11.91 3.77
N ASN A 158 1.89 -10.77 3.72
CA ASN A 158 1.44 -10.22 2.44
C ASN A 158 2.42 -9.32 1.68
N SER A 159 3.04 -8.36 2.37
CA SER A 159 3.79 -7.30 1.68
C SER A 159 4.84 -7.77 0.67
N GLY A 160 5.57 -8.82 1.01
CA GLY A 160 6.61 -9.33 0.13
C GLY A 160 6.24 -10.60 -0.63
N VAL A 161 4.99 -11.03 -0.51
CA VAL A 161 4.56 -12.31 -1.07
C VAL A 161 4.52 -12.33 -2.61
N TYR A 162 4.16 -11.22 -3.24
CA TYR A 162 4.11 -11.16 -4.71
C TYR A 162 5.49 -11.28 -5.31
N THR A 163 6.48 -10.70 -4.63
CA THR A 163 7.83 -10.62 -5.18
C THR A 163 8.64 -11.89 -4.97
N PHE A 164 7.95 -13.01 -4.73
CA PHE A 164 8.59 -14.32 -4.68
C PHE A 164 8.96 -14.74 -6.10
N LYS A 170 11.15 -24.22 -8.27
CA LYS A 170 9.73 -24.53 -8.23
C LYS A 170 9.18 -24.46 -6.81
N SER A 171 8.94 -23.25 -6.34
CA SER A 171 8.46 -23.04 -4.99
C SER A 171 7.25 -22.09 -4.95
N LEU A 172 6.21 -22.44 -5.72
CA LEU A 172 4.96 -21.70 -5.68
C LEU A 172 4.02 -22.35 -4.67
N GLU A 173 4.34 -23.58 -4.28
CA GLU A 173 3.61 -24.25 -3.22
C GLU A 173 3.84 -23.50 -1.91
N GLU A 174 4.98 -22.83 -1.82
CA GLU A 174 5.26 -21.96 -0.68
C GLU A 174 4.45 -20.68 -0.82
N LYS A 175 4.28 -20.21 -2.05
CA LYS A 175 3.44 -19.05 -2.32
C LYS A 175 1.98 -19.37 -2.00
N ASP A 176 1.53 -20.55 -2.41
CA ASP A 176 0.15 -20.97 -2.17
C ASP A 176 -0.10 -21.28 -0.70
N HIS A 177 0.90 -21.85 -0.04
CA HIS A 177 0.82 -22.09 1.40
C HIS A 177 0.62 -20.77 2.14
N ILE A 178 1.39 -19.76 1.76
CA ILE A 178 1.27 -18.44 2.38
C ILE A 178 -0.13 -17.87 2.16
N HIS A 179 -0.68 -18.08 0.97
CA HIS A 179 -2.03 -17.61 0.66
C HIS A 179 -3.09 -18.34 1.47
N ARG A 180 -2.86 -19.62 1.74
CA ARG A 180 -3.79 -20.37 2.58
C ARG A 180 -3.77 -19.84 4.01
N VAL A 181 -2.58 -19.52 4.51
CA VAL A 181 -2.46 -18.97 5.84
C VAL A 181 -3.11 -17.59 5.92
N LEU A 182 -2.95 -16.81 4.85
CA LEU A 182 -3.59 -15.50 4.76
C LEU A 182 -5.11 -15.62 4.82
N ASP A 183 -5.66 -16.61 4.11
CA ASP A 183 -7.10 -16.85 4.17
C ASP A 183 -7.55 -17.16 5.61
N LYS A 184 -6.77 -18.00 6.30
CA LYS A 184 -7.05 -18.33 7.69
C LYS A 184 -7.13 -17.09 8.59
N ILE A 185 -6.20 -16.15 8.38
CA ILE A 185 -6.22 -14.92 9.16
C ILE A 185 -7.46 -14.10 8.81
N THR A 186 -7.85 -14.12 7.53
CA THR A 186 -9.08 -13.47 7.11
C THR A 186 -10.28 -14.10 7.80
N ASP A 187 -10.33 -15.43 7.76
CA ASP A 187 -11.34 -16.17 8.50
C ASP A 187 -11.38 -15.73 9.96
N THR A 188 -10.20 -15.51 10.55
CA THR A 188 -10.11 -15.13 11.96
C THR A 188 -10.69 -13.74 12.21
N LEU A 189 -10.40 -12.79 11.33
CA LEU A 189 -10.94 -11.45 11.45
C LEU A 189 -12.46 -11.47 11.40
N ILE A 190 -13.00 -12.25 10.47
CA ILE A 190 -14.44 -12.34 10.30
C ILE A 190 -15.08 -12.97 11.54
N HIS A 191 -14.44 -14.01 12.06
CA HIS A 191 -14.87 -14.67 13.30
C HIS A 191 -15.04 -13.65 14.43
N LEU A 192 -14.02 -12.83 14.63
CA LEU A 192 -14.04 -11.80 15.66
C LEU A 192 -15.18 -10.82 15.47
N MET A 193 -15.51 -10.52 14.21
CA MET A 193 -16.54 -9.55 13.91
C MET A 193 -17.92 -10.13 14.14
N ALA A 194 -18.11 -11.37 13.73
CA ALA A 194 -19.38 -12.07 13.95
C ALA A 194 -19.59 -12.22 15.46
N LYS A 195 -18.51 -12.52 16.16
CA LYS A 195 -18.56 -12.70 17.62
C LYS A 195 -18.90 -11.39 18.31
N ALA A 196 -18.60 -10.27 17.65
CA ALA A 196 -18.88 -8.97 18.22
C ALA A 196 -20.32 -8.55 17.91
N GLY A 197 -21.01 -9.38 17.14
CA GLY A 197 -22.42 -9.15 16.84
C GLY A 197 -22.71 -8.35 15.58
N LEU A 198 -21.72 -8.21 14.70
CA LEU A 198 -21.93 -7.48 13.46
C LEU A 198 -22.71 -8.31 12.44
N THR A 199 -23.56 -7.65 11.67
CA THR A 199 -24.26 -8.31 10.58
C THR A 199 -23.27 -8.72 9.49
N LEU A 200 -23.75 -9.53 8.55
CA LEU A 200 -22.93 -9.99 7.43
C LEU A 200 -22.46 -8.81 6.59
N GLN A 201 -23.37 -7.89 6.29
CA GLN A 201 -23.02 -6.70 5.54
C GLN A 201 -21.99 -5.86 6.28
N GLN A 202 -22.12 -5.80 7.61
CA GLN A 202 -21.20 -5.02 8.44
C GLN A 202 -19.82 -5.65 8.57
N GLN A 203 -19.77 -6.97 8.53
CA GLN A 203 -18.50 -7.71 8.64
C GLN A 203 -17.65 -7.45 7.41
N HIS A 204 -18.28 -7.50 6.24
CA HIS A 204 -17.57 -7.35 4.98
C HIS A 204 -17.09 -5.91 4.83
N GLN A 205 -17.94 -4.96 5.21
CA GLN A 205 -17.56 -3.56 5.14
C GLN A 205 -16.38 -3.26 6.06
N ARG A 206 -16.43 -3.78 7.28
CA ARG A 206 -15.37 -3.55 8.26
C ARG A 206 -14.06 -4.22 7.85
N LEU A 207 -14.17 -5.44 7.31
CA LEU A 207 -13.00 -6.13 6.78
C LEU A 207 -12.31 -5.25 5.73
N ALA A 208 -13.10 -4.77 4.77
CA ALA A 208 -12.57 -3.88 3.73
C ALA A 208 -11.90 -2.65 4.31
N GLN A 209 -12.57 -1.99 5.27
CA GLN A 209 -12.02 -0.80 5.90
C GLN A 209 -10.68 -1.08 6.56
N LEU A 210 -10.57 -2.22 7.23
CA LEU A 210 -9.33 -2.60 7.89
C LEU A 210 -8.21 -2.84 6.89
N LEU A 211 -8.50 -3.63 5.85
CA LEU A 211 -7.50 -3.94 4.84
C LEU A 211 -7.03 -2.70 4.03
N LEU A 212 -7.94 -1.76 3.78
CA LEU A 212 -7.56 -0.55 3.05
C LEU A 212 -6.55 0.27 3.84
N ILE A 213 -6.61 0.17 5.16
CA ILE A 213 -5.64 0.83 6.02
C ILE A 213 -4.23 0.36 5.69
N LEU A 214 -4.10 -0.93 5.38
CA LEU A 214 -2.78 -1.48 5.02
C LEU A 214 -2.16 -0.76 3.83
N SER A 215 -2.98 -0.17 2.96
CA SER A 215 -2.46 0.59 1.83
C SER A 215 -1.76 1.86 2.32
N HIS A 216 -2.38 2.55 3.26
CA HIS A 216 -1.78 3.76 3.83
CA HIS A 216 -1.79 3.75 3.84
C HIS A 216 -0.53 3.42 4.62
N ILE A 217 -0.55 2.29 5.32
CA ILE A 217 0.63 1.85 6.08
C ILE A 217 1.82 1.55 5.15
N ARG A 218 1.54 0.98 3.99
CA ARG A 218 2.61 0.73 3.01
C ARG A 218 3.18 2.05 2.53
N HIS A 219 2.29 3.02 2.28
CA HIS A 219 2.69 4.37 1.89
C HIS A 219 3.62 5.00 2.93
N MET A 220 3.23 4.92 4.19
CA MET A 220 4.03 5.51 5.27
C MET A 220 5.39 4.83 5.39
N SER A 221 5.42 3.52 5.25
CA SER A 221 6.67 2.76 5.29
C SER A 221 7.61 3.22 4.19
N ASN A 222 7.09 3.39 2.98
CA ASN A 222 7.92 3.84 1.88
C ASN A 222 8.51 5.22 2.12
N LYS A 223 7.70 6.15 2.61
CA LYS A 223 8.19 7.48 2.95
C LYS A 223 9.17 7.42 4.12
N GLY A 224 8.86 6.60 5.12
CA GLY A 224 9.72 6.46 6.27
C GLY A 224 11.09 5.92 5.89
N MET A 225 11.11 4.99 4.95
CA MET A 225 12.34 4.37 4.48
C MET A 225 13.24 5.38 3.77
N GLU A 226 12.63 6.28 3.00
CA GLU A 226 13.38 7.34 2.35
C GLU A 226 13.92 8.31 3.39
N HIS A 227 13.13 8.56 4.44
CA HIS A 227 13.54 9.49 5.48
C HIS A 227 14.73 8.93 6.24
N LEU A 228 14.60 7.69 6.68
CA LEU A 228 15.71 7.01 7.37
C LEU A 228 16.97 7.03 6.52
N TYR A 229 16.80 6.83 5.21
CA TYR A 229 17.93 6.83 4.30
C TYR A 229 18.60 8.21 4.25
N SER A 230 17.79 9.26 4.26
CA SER A 230 18.30 10.62 4.21
C SER A 230 19.00 10.98 5.51
N MET A 231 18.66 10.29 6.60
CA MET A 231 19.34 10.48 7.87
C MET A 231 20.65 9.70 7.88
N LYS A 232 20.67 8.59 7.15
CA LYS A 232 21.87 7.79 7.02
C LYS A 232 22.98 8.54 6.26
N CSO A 233 22.60 9.23 5.20
CA CSO A 233 23.58 10.01 4.43
CB CSO A 233 23.23 10.09 2.93
SG CSO A 233 22.34 8.60 2.42
C CSO A 233 23.85 11.42 4.99
O CSO A 233 24.59 12.18 4.38
OD CSO A 233 23.18 7.83 1.04
N LYS A 234 23.28 11.73 6.14
CA LYS A 234 23.61 12.98 6.82
C LYS A 234 24.54 12.72 7.99
N ASN A 235 24.85 11.44 8.22
CA ASN A 235 25.68 11.02 9.34
C ASN A 235 25.36 11.74 10.66
N VAL A 236 24.13 12.22 10.77
CA VAL A 236 23.68 12.85 11.99
C VAL A 236 23.50 11.80 13.07
N VAL A 237 22.97 10.65 12.66
CA VAL A 237 22.71 9.56 13.58
C VAL A 237 23.44 8.31 13.11
N PRO A 238 24.12 7.63 14.04
CA PRO A 238 24.71 6.33 13.71
C PRO A 238 23.64 5.26 13.78
N LEU A 239 23.54 4.42 12.76
CA LEU A 239 22.57 3.34 12.75
C LEU A 239 23.25 2.01 13.03
N SER A 240 22.59 1.14 13.78
CA SER A 240 23.15 -0.16 14.09
C SER A 240 23.35 -0.96 12.81
N ASP A 241 24.21 -1.97 12.88
CA ASP A 241 24.48 -2.82 11.73
C ASP A 241 23.19 -3.46 11.21
N LEU A 242 22.37 -3.95 12.13
CA LEU A 242 21.12 -4.59 11.76
C LEU A 242 20.21 -3.61 11.01
N LEU A 243 20.13 -2.39 11.52
CA LEU A 243 19.26 -1.39 10.94
C LEU A 243 19.71 -1.01 9.53
N LEU A 244 21.02 -0.91 9.34
CA LEU A 244 21.58 -0.58 8.03
C LEU A 244 21.30 -1.68 7.01
N GLU A 245 21.29 -2.92 7.49
CA GLU A 245 21.02 -4.05 6.60
C GLU A 245 19.55 -4.07 6.16
N MET A 246 18.64 -3.78 7.09
CA MET A 246 17.22 -3.69 6.76
C MET A 246 17.00 -2.54 5.79
N LEU A 247 17.65 -1.42 6.04
CA LEU A 247 17.53 -0.25 5.19
C LEU A 247 18.05 -0.55 3.79
N ASP A 248 19.18 -1.26 3.71
CA ASP A 248 19.80 -1.53 2.42
CA ASP A 248 19.83 -1.56 2.43
C ASP A 248 19.05 -2.57 1.60
N ALA A 249 18.16 -3.32 2.24
CA ALA A 249 17.36 -4.30 1.52
C ALA A 249 16.31 -3.62 0.63
N HIS A 250 16.02 -2.36 0.91
CA HIS A 250 15.08 -1.60 0.09
C HIS A 250 15.78 -0.82 -1.01
N ARG A 251 17.10 -0.96 -1.09
CA ARG A 251 17.91 -0.29 -2.12
C ARG A 251 17.26 0.96 -2.70
N LEU A 252 17.41 2.08 -2.00
CA LEU A 252 16.81 3.34 -2.44
C LEU A 252 17.79 4.09 -3.35
N SER B 8 -26.66 12.01 -1.17
CA SER B 8 -26.04 11.73 -2.46
C SER B 8 -26.80 10.64 -3.22
N LEU B 9 -26.85 10.77 -4.54
CA LEU B 9 -27.53 9.79 -5.38
C LEU B 9 -26.64 8.56 -5.59
N ALA B 10 -25.36 8.71 -5.27
CA ALA B 10 -24.41 7.60 -5.37
C ALA B 10 -24.70 6.56 -4.30
N LEU B 11 -25.15 7.02 -3.14
CA LEU B 11 -25.48 6.11 -2.04
C LEU B 11 -26.80 5.40 -2.32
N SER B 12 -27.55 5.90 -3.30
CA SER B 12 -28.86 5.34 -3.64
C SER B 12 -28.79 4.32 -4.78
N LEU B 13 -27.60 4.15 -5.36
CA LEU B 13 -27.41 3.19 -6.44
C LEU B 13 -27.47 1.77 -5.94
N THR B 14 -28.06 0.87 -6.72
CA THR B 14 -27.98 -0.55 -6.42
C THR B 14 -26.60 -1.06 -6.84
N ALA B 15 -26.29 -2.30 -6.46
CA ALA B 15 -25.02 -2.91 -6.83
C ALA B 15 -24.86 -2.99 -8.34
N ASP B 16 -25.90 -3.47 -9.02
CA ASP B 16 -25.87 -3.60 -10.47
C ASP B 16 -25.72 -2.25 -11.16
N GLN B 17 -26.37 -1.23 -10.62
CA GLN B 17 -26.26 0.12 -11.16
C GLN B 17 -24.85 0.67 -10.96
N MET B 18 -24.26 0.37 -9.80
CA MET B 18 -22.89 0.77 -9.51
C MET B 18 -21.94 0.22 -10.57
N VAL B 19 -22.00 -1.08 -10.81
CA VAL B 19 -21.17 -1.74 -11.81
C VAL B 19 -21.39 -1.17 -13.22
N SER B 20 -22.64 -0.85 -13.54
CA SER B 20 -22.98 -0.29 -14.84
C SER B 20 -22.38 1.10 -15.03
N ALA B 21 -22.47 1.92 -14.00
CA ALA B 21 -21.87 3.24 -14.02
C ALA B 21 -20.36 3.15 -14.26
N LEU B 22 -19.69 2.32 -13.47
CA LEU B 22 -18.23 2.19 -13.57
C LEU B 22 -17.81 1.61 -14.91
N LEU B 23 -18.49 0.56 -15.36
CA LEU B 23 -18.16 -0.03 -16.65
C LEU B 23 -18.31 0.98 -17.78
N ASP B 24 -19.35 1.80 -17.72
CA ASP B 24 -19.61 2.80 -18.75
C ASP B 24 -18.55 3.91 -18.75
N ALA B 25 -18.02 4.22 -17.57
CA ALA B 25 -17.06 5.30 -17.42
C ALA B 25 -15.64 4.91 -17.86
N GLU B 26 -15.44 3.65 -18.23
CA GLU B 26 -14.11 3.15 -18.56
C GLU B 26 -13.48 3.98 -19.67
N PRO B 27 -12.22 4.38 -19.47
CA PRO B 27 -11.46 5.10 -20.50
C PRO B 27 -10.95 4.15 -21.58
N PRO B 28 -10.64 4.67 -22.76
CA PRO B 28 -10.21 3.80 -23.86
C PRO B 28 -8.74 3.41 -23.74
N ILE B 29 -8.35 2.36 -24.43
CA ILE B 29 -6.95 2.01 -24.58
C ILE B 29 -6.34 2.91 -25.66
N LEU B 30 -5.29 3.64 -25.31
CA LEU B 30 -4.66 4.59 -26.23
C LEU B 30 -3.44 4.00 -26.91
N TYR B 31 -2.96 4.68 -27.94
CA TYR B 31 -1.75 4.27 -28.62
C TYR B 31 -0.56 5.13 -28.22
N SER B 32 0.63 4.56 -28.25
CA SER B 32 1.83 5.36 -28.08
C SER B 32 2.27 5.86 -29.45
N GLU B 33 3.21 6.79 -29.48
CA GLU B 33 3.79 7.18 -30.76
C GLU B 33 5.11 6.45 -30.95
N TYR B 34 5.12 5.16 -30.65
CA TYR B 34 6.31 4.35 -30.89
C TYR B 34 6.70 4.40 -32.36
N ASP B 35 7.93 4.81 -32.63
CA ASP B 35 8.44 4.83 -34.00
C ASP B 35 9.46 3.71 -34.20
N PRO B 36 9.06 2.66 -34.93
CA PRO B 36 9.91 1.48 -35.15
C PRO B 36 10.97 1.68 -36.23
N THR B 37 11.15 2.89 -36.72
CA THR B 37 12.19 3.14 -37.72
C THR B 37 13.54 3.42 -37.05
N ARG B 38 13.51 3.67 -35.76
CA ARG B 38 14.73 3.97 -35.01
C ARG B 38 14.87 3.06 -33.79
N PRO B 39 16.12 2.77 -33.41
CA PRO B 39 16.35 1.91 -32.25
C PRO B 39 15.96 2.60 -30.93
N PHE B 40 15.57 1.81 -29.95
CA PHE B 40 15.27 2.34 -28.62
C PHE B 40 16.52 2.91 -27.96
N SER B 41 16.35 4.02 -27.25
CA SER B 41 17.34 4.49 -26.31
C SER B 41 16.62 4.66 -24.98
N GLU B 42 17.37 4.84 -23.90
CA GLU B 42 16.77 5.15 -22.62
C GLU B 42 15.81 6.33 -22.77
N ALA B 43 16.29 7.37 -23.46
CA ALA B 43 15.53 8.61 -23.62
C ALA B 43 14.23 8.42 -24.39
N SER B 44 14.28 7.65 -25.47
CA SER B 44 13.12 7.51 -26.35
C SER B 44 12.07 6.56 -25.77
N MET B 45 12.51 5.53 -25.05
CA MET B 45 11.58 4.63 -24.39
C MET B 45 10.84 5.37 -23.28
N MET B 46 11.60 6.08 -22.44
CA MET B 46 11.01 6.85 -21.36
C MET B 46 10.07 7.95 -21.88
N GLY B 47 10.41 8.49 -23.06
CA GLY B 47 9.59 9.49 -23.71
C GLY B 47 8.25 8.95 -24.14
N LEU B 48 8.24 7.74 -24.70
CA LEU B 48 6.99 7.06 -25.02
C LEU B 48 6.12 6.92 -23.77
N LEU B 49 6.72 6.53 -22.65
CA LEU B 49 5.98 6.29 -21.42
C LEU B 49 5.43 7.58 -20.84
N THR B 50 6.23 8.64 -20.83
CA THR B 50 5.79 9.91 -20.26
C THR B 50 4.73 10.56 -21.15
N ASN B 51 4.88 10.42 -22.46
CA ASN B 51 3.87 10.90 -23.38
C ASN B 51 2.56 10.14 -23.18
N LEU B 52 2.68 8.83 -23.06
CA LEU B 52 1.52 7.98 -22.85
C LEU B 52 0.80 8.32 -21.55
N ALA B 53 1.57 8.49 -20.48
CA ALA B 53 1.00 8.78 -19.16
C ALA B 53 0.20 10.08 -19.17
N ASP B 54 0.73 11.08 -19.89
CA ASP B 54 0.07 12.36 -19.98
C ASP B 54 -1.28 12.23 -20.68
N ARG B 55 -1.33 11.45 -21.75
CA ARG B 55 -2.57 11.29 -22.49
CA ARG B 55 -2.56 11.24 -22.51
C ARG B 55 -3.59 10.48 -21.69
N GLU B 56 -3.15 9.44 -20.99
CA GLU B 56 -4.05 8.66 -20.14
C GLU B 56 -4.59 9.52 -18.99
N LEU B 57 -3.74 10.37 -18.44
CA LEU B 57 -4.14 11.26 -17.35
C LEU B 57 -5.38 12.08 -17.71
N VAL B 58 -5.40 12.63 -18.91
CA VAL B 58 -6.53 13.45 -19.33
C VAL B 58 -7.82 12.64 -19.33
N HIS B 59 -7.76 11.41 -19.84
CA HIS B 59 -8.92 10.54 -19.83
C HIS B 59 -9.27 10.12 -18.40
N MET B 60 -8.25 10.00 -17.55
CA MET B 60 -8.46 9.62 -16.17
C MET B 60 -9.24 10.71 -15.43
N ILE B 61 -8.79 11.95 -15.61
CA ILE B 61 -9.44 13.11 -14.99
C ILE B 61 -10.93 13.08 -15.29
N ASN B 62 -11.26 12.79 -16.54
CA ASN B 62 -12.67 12.74 -16.95
C ASN B 62 -13.38 11.47 -16.50
N TRP B 63 -12.65 10.36 -16.40
CA TRP B 63 -13.21 9.14 -15.81
C TRP B 63 -13.58 9.35 -14.34
N ALA B 64 -12.70 10.01 -13.59
CA ALA B 64 -12.91 10.24 -12.17
C ALA B 64 -14.21 10.98 -11.90
N LYS B 65 -14.55 11.91 -12.78
CA LYS B 65 -15.80 12.68 -12.63
C LYS B 65 -17.03 11.79 -12.75
N ARG B 66 -16.89 10.65 -13.39
CA ARG B 66 -18.01 9.73 -13.59
C ARG B 66 -18.06 8.64 -12.52
N VAL B 67 -17.14 8.69 -11.57
CA VAL B 67 -17.15 7.76 -10.46
C VAL B 67 -18.11 8.27 -9.38
N PRO B 68 -19.21 7.53 -9.15
CA PRO B 68 -20.27 7.92 -8.21
C PRO B 68 -19.72 8.50 -6.91
N GLY B 69 -20.14 9.72 -6.58
CA GLY B 69 -19.72 10.36 -5.35
C GLY B 69 -18.55 11.31 -5.48
N PHE B 70 -17.77 11.16 -6.54
CA PHE B 70 -16.57 11.96 -6.70
C PHE B 70 -16.86 13.45 -6.93
N VAL B 71 -17.83 13.77 -7.77
CA VAL B 71 -18.11 15.19 -8.04
C VAL B 71 -18.84 15.88 -6.89
N ASP B 72 -19.31 15.10 -5.92
CA ASP B 72 -19.92 15.67 -4.72
C ASP B 72 -18.88 16.41 -3.88
N LEU B 73 -17.62 16.06 -4.09
CA LEU B 73 -16.52 16.66 -3.32
C LEU B 73 -16.10 18.00 -3.90
N THR B 74 -15.45 18.82 -3.07
CA THR B 74 -14.95 20.12 -3.52
C THR B 74 -13.78 19.93 -4.48
N LEU B 75 -13.56 20.92 -5.34
CA LEU B 75 -12.46 20.85 -6.29
C LEU B 75 -11.12 20.56 -5.62
N HIS B 76 -10.93 21.08 -4.41
CA HIS B 76 -9.69 20.87 -3.69
C HIS B 76 -9.54 19.42 -3.25
N ASP B 77 -10.66 18.79 -2.91
CA ASP B 77 -10.67 17.39 -2.52
C ASP B 77 -10.47 16.48 -3.73
N GLN B 78 -11.13 16.82 -4.83
CA GLN B 78 -10.96 16.09 -6.07
C GLN B 78 -9.50 16.15 -6.52
N VAL B 79 -8.93 17.34 -6.46
CA VAL B 79 -7.54 17.54 -6.85
C VAL B 79 -6.63 16.64 -6.01
N HIS B 80 -6.86 16.66 -4.70
CA HIS B 80 -6.03 15.90 -3.78
C HIS B 80 -6.11 14.39 -3.99
N LEU B 81 -7.32 13.87 -4.19
CA LEU B 81 -7.50 12.45 -4.41
C LEU B 81 -6.77 11.99 -5.68
N LEU B 82 -6.93 12.75 -6.76
CA LEU B 82 -6.28 12.42 -8.03
C LEU B 82 -4.77 12.60 -7.96
N GLU B 83 -4.32 13.64 -7.27
CA GLU B 83 -2.90 13.84 -7.04
C GLU B 83 -2.27 12.64 -6.33
N CSO B 84 -2.98 12.08 -5.34
CA CSO B 84 -2.45 10.97 -4.55
CA CSO B 84 -2.43 11.00 -4.56
CB CSO B 84 -3.20 10.81 -3.23
CB CSO B 84 -3.15 10.88 -3.22
SG CSO B 84 -2.83 12.16 -2.08
SG CSO B 84 -2.50 9.48 -2.29
C CSO B 84 -2.46 9.65 -5.31
O CSO B 84 -1.52 8.86 -5.21
OD CSO B 84 -1.19 11.97 -1.40
OD CSO B 84 -0.93 9.92 -1.57
N ALA B 85 -3.51 9.41 -6.09
CA ALA B 85 -3.74 8.10 -6.69
C ALA B 85 -3.36 7.91 -8.16
N TRP B 86 -3.01 8.98 -8.86
CA TRP B 86 -2.89 8.92 -10.32
C TRP B 86 -2.01 7.78 -10.85
N LEU B 87 -0.79 7.65 -10.32
CA LEU B 87 0.12 6.60 -10.79
C LEU B 87 -0.40 5.19 -10.44
N GLU B 88 -0.98 5.04 -9.26
CA GLU B 88 -1.60 3.78 -8.87
C GLU B 88 -2.66 3.37 -9.88
N ILE B 89 -3.48 4.35 -10.26
CA ILE B 89 -4.56 4.09 -11.22
C ILE B 89 -3.99 3.76 -12.61
N LEU B 90 -2.94 4.47 -13.03
CA LEU B 90 -2.29 4.14 -14.29
C LEU B 90 -1.77 2.70 -14.25
N MET B 91 -1.13 2.36 -13.14
CA MET B 91 -0.50 1.05 -13.02
C MET B 91 -1.49 -0.11 -13.00
N ILE B 92 -2.60 0.04 -12.28
CA ILE B 92 -3.56 -1.06 -12.23
C ILE B 92 -4.21 -1.28 -13.59
N GLY B 93 -4.44 -0.20 -14.33
CA GLY B 93 -4.94 -0.29 -15.69
C GLY B 93 -3.96 -1.04 -16.57
N LEU B 94 -2.67 -0.71 -16.42
CA LEU B 94 -1.61 -1.37 -17.16
C LEU B 94 -1.58 -2.87 -16.86
N VAL B 95 -1.56 -3.22 -15.57
CA VAL B 95 -1.55 -4.63 -15.18
C VAL B 95 -2.79 -5.34 -15.74
N TRP B 96 -3.95 -4.71 -15.61
CA TRP B 96 -5.18 -5.25 -16.17
C TRP B 96 -5.02 -5.53 -17.67
N ARG B 97 -4.54 -4.53 -18.42
CA ARG B 97 -4.35 -4.66 -19.87
C ARG B 97 -3.41 -5.81 -20.21
N SER B 98 -2.50 -6.10 -19.30
CA SER B 98 -1.43 -7.05 -19.58
C SER B 98 -1.79 -8.48 -19.17
N MET B 99 -2.94 -8.64 -18.52
CA MET B 99 -3.34 -9.96 -18.00
C MET B 99 -3.12 -11.10 -19.00
N GLU B 100 -3.52 -10.88 -20.25
CA GLU B 100 -3.49 -11.92 -21.27
C GLU B 100 -2.18 -11.97 -22.04
N HIS B 101 -1.14 -11.34 -21.50
CA HIS B 101 0.16 -11.30 -22.15
C HIS B 101 1.27 -11.63 -21.17
N PRO B 102 1.32 -12.89 -20.71
CA PRO B 102 2.28 -13.33 -19.69
C PRO B 102 3.70 -12.98 -20.08
N GLY B 103 4.41 -12.29 -19.19
CA GLY B 103 5.79 -11.91 -19.43
C GLY B 103 5.92 -10.56 -20.11
N LYS B 104 4.79 -9.96 -20.47
CA LYS B 104 4.80 -8.66 -21.14
C LYS B 104 3.87 -7.64 -20.49
N LEU B 105 4.20 -6.37 -20.70
CA LEU B 105 3.39 -5.25 -20.27
C LEU B 105 2.83 -4.50 -21.47
N LEU B 106 1.52 -4.49 -21.61
CA LEU B 106 0.86 -3.84 -22.73
C LEU B 106 0.57 -2.37 -22.43
N PHE B 107 1.60 -1.53 -22.53
CA PHE B 107 1.42 -0.10 -22.33
C PHE B 107 0.43 0.44 -23.34
N ALA B 108 0.54 -0.06 -24.57
CA ALA B 108 -0.38 0.31 -25.65
C ALA B 108 -0.42 -0.86 -26.63
N PRO B 109 -1.43 -0.88 -27.51
CA PRO B 109 -1.51 -1.98 -28.49
C PRO B 109 -0.29 -2.02 -29.40
N ASN B 110 0.37 -0.88 -29.57
CA ASN B 110 1.57 -0.81 -30.39
C ASN B 110 2.83 -0.68 -29.55
N LEU B 111 2.70 -0.99 -28.27
CA LEU B 111 3.82 -0.91 -27.34
C LEU B 111 3.71 -1.99 -26.26
N LEU B 112 4.20 -3.18 -26.60
CA LEU B 112 4.18 -4.34 -25.72
C LEU B 112 5.62 -4.66 -25.37
N LEU B 113 5.98 -4.47 -24.10
CA LEU B 113 7.37 -4.58 -23.68
C LEU B 113 7.59 -5.73 -22.70
N ASP B 114 8.71 -6.43 -22.84
CA ASP B 114 9.12 -7.43 -21.85
C ASP B 114 10.19 -6.86 -20.94
N ARG B 115 10.58 -7.61 -19.92
CA ARG B 115 11.50 -7.09 -18.90
C ARG B 115 12.87 -6.76 -19.49
N ASN B 116 13.27 -7.51 -20.50
CA ASN B 116 14.55 -7.25 -21.15
C ASN B 116 14.58 -5.87 -21.79
N GLN B 117 13.46 -5.49 -22.42
CA GLN B 117 13.35 -4.16 -22.98
C GLN B 117 13.31 -3.09 -21.89
N GLY B 118 12.74 -3.44 -20.75
CA GLY B 118 12.67 -2.52 -19.62
C GLY B 118 14.03 -2.13 -19.09
N LYS B 119 15.00 -3.04 -19.20
CA LYS B 119 16.36 -2.77 -18.75
C LYS B 119 17.01 -1.63 -19.52
N CSO B 120 16.41 -1.24 -20.64
CA CSO B 120 16.97 -0.18 -21.46
CB CSO B 120 16.25 -0.09 -22.81
SG CSO B 120 16.61 1.48 -23.62
C CSO B 120 16.91 1.14 -20.70
O CSO B 120 17.66 2.07 -20.99
OD CSO B 120 18.00 1.29 -24.73
N VAL B 121 16.02 1.22 -19.71
CA VAL B 121 15.92 2.40 -18.88
C VAL B 121 16.40 2.12 -17.46
N GLU B 122 17.29 2.98 -16.97
CA GLU B 122 17.87 2.79 -15.64
C GLU B 122 16.82 2.72 -14.52
N GLY B 123 16.87 1.65 -13.73
CA GLY B 123 15.98 1.46 -12.61
C GLY B 123 14.59 1.01 -13.01
N MET B 124 14.36 0.82 -14.31
CA MET B 124 13.03 0.49 -14.79
C MET B 124 12.67 -0.99 -14.63
N VAL B 125 13.63 -1.87 -14.93
CA VAL B 125 13.38 -3.31 -14.86
C VAL B 125 12.79 -3.74 -13.51
N GLU B 126 13.26 -3.12 -12.44
CA GLU B 126 12.76 -3.42 -11.10
C GLU B 126 11.25 -3.19 -11.04
N ILE B 127 10.81 -2.10 -11.65
CA ILE B 127 9.40 -1.75 -11.66
C ILE B 127 8.61 -2.68 -12.58
N PHE B 128 9.13 -2.95 -13.77
CA PHE B 128 8.51 -3.94 -14.65
C PHE B 128 8.28 -5.27 -13.92
N ASP B 129 9.30 -5.74 -13.20
CA ASP B 129 9.20 -7.02 -12.49
C ASP B 129 8.04 -7.04 -11.51
N MET B 130 7.88 -5.96 -10.74
CA MET B 130 6.74 -5.86 -9.82
C MET B 130 5.42 -5.81 -10.57
N LEU B 131 5.39 -5.07 -11.67
CA LEU B 131 4.17 -4.97 -12.47
C LEU B 131 3.79 -6.33 -13.07
N LEU B 132 4.78 -7.05 -13.59
CA LEU B 132 4.54 -8.37 -14.15
C LEU B 132 4.08 -9.37 -13.08
N ALA B 133 4.65 -9.29 -11.89
CA ALA B 133 4.24 -10.16 -10.80
C ALA B 133 2.78 -9.93 -10.42
N THR B 134 2.36 -8.67 -10.45
CA THR B 134 0.98 -8.33 -10.13
C THR B 134 0.03 -8.85 -11.21
N SER B 135 0.47 -8.76 -12.46
CA SER B 135 -0.31 -9.27 -13.58
C SER B 135 -0.48 -10.77 -13.44
N SER B 136 0.61 -11.44 -13.06
CA SER B 136 0.59 -12.88 -12.80
C SER B 136 -0.42 -13.18 -11.70
N ARG B 137 -0.47 -12.31 -10.70
CA ARG B 137 -1.41 -12.48 -9.59
C ARG B 137 -2.86 -12.34 -10.04
N PHE B 138 -3.12 -11.39 -10.93
CA PHE B 138 -4.46 -11.20 -11.48
C PHE B 138 -4.88 -12.47 -12.21
N ARG B 139 -3.95 -13.02 -12.98
CA ARG B 139 -4.19 -14.23 -13.76
C ARG B 139 -4.50 -15.37 -12.82
N MET B 140 -3.68 -15.50 -11.79
CA MET B 140 -3.82 -16.52 -10.75
C MET B 140 -5.21 -16.48 -10.13
N MET B 141 -5.71 -15.28 -9.86
CA MET B 141 -7.02 -15.09 -9.24
C MET B 141 -8.17 -15.06 -10.24
N ASN B 142 -7.84 -15.04 -11.52
CA ASN B 142 -8.86 -14.86 -12.55
C ASN B 142 -9.70 -13.61 -12.27
N LEU B 143 -9.02 -12.51 -11.96
CA LEU B 143 -9.70 -11.22 -11.76
C LEU B 143 -10.65 -10.89 -12.90
N GLN B 144 -11.87 -10.51 -12.53
CA GLN B 144 -12.92 -10.18 -13.51
C GLN B 144 -12.97 -8.68 -13.77
N GLY B 145 -13.43 -8.32 -14.97
CA GLY B 145 -13.55 -6.92 -15.36
C GLY B 145 -14.34 -6.07 -14.40
N GLU B 146 -15.44 -6.63 -13.89
CA GLU B 146 -16.30 -5.91 -12.95
C GLU B 146 -15.58 -5.68 -11.62
N GLU B 147 -14.77 -6.65 -11.21
CA GLU B 147 -13.99 -6.51 -9.99
C GLU B 147 -12.90 -5.45 -10.20
N PHE B 148 -12.26 -5.50 -11.36
CA PHE B 148 -11.23 -4.54 -11.71
C PHE B 148 -11.73 -3.10 -11.54
N VAL B 149 -12.86 -2.78 -12.17
CA VAL B 149 -13.35 -1.40 -12.13
C VAL B 149 -13.71 -0.97 -10.70
N CYS B 150 -14.18 -1.91 -9.88
CA CYS B 150 -14.41 -1.61 -8.46
C CYS B 150 -13.10 -1.25 -7.77
N LEU B 151 -12.09 -2.08 -7.96
CA LEU B 151 -10.76 -1.86 -7.36
C LEU B 151 -10.19 -0.50 -7.73
N LYS B 152 -10.30 -0.15 -9.01
CA LYS B 152 -9.77 1.10 -9.51
C LYS B 152 -10.47 2.30 -8.85
N SER B 153 -11.79 2.19 -8.66
CA SER B 153 -12.53 3.24 -7.99
C SER B 153 -12.19 3.32 -6.51
N ILE B 154 -11.92 2.18 -5.89
CA ILE B 154 -11.53 2.17 -4.49
C ILE B 154 -10.22 2.94 -4.32
N ILE B 155 -9.27 2.68 -5.20
CA ILE B 155 -7.98 3.37 -5.15
C ILE B 155 -8.16 4.89 -5.22
N LEU B 156 -9.02 5.35 -6.12
CA LEU B 156 -9.28 6.78 -6.29
C LEU B 156 -9.78 7.41 -4.98
N LEU B 157 -10.75 6.75 -4.35
CA LEU B 157 -11.38 7.32 -3.16
C LEU B 157 -10.59 7.10 -1.86
N ASN B 158 -9.81 6.03 -1.81
CA ASN B 158 -9.10 5.65 -0.59
C ASN B 158 -7.70 6.24 -0.41
N SER B 159 -6.92 6.28 -1.49
CA SER B 159 -5.50 6.57 -1.36
C SER B 159 -5.19 7.89 -0.65
N GLY B 160 -5.91 8.94 -1.00
CA GLY B 160 -5.72 10.23 -0.36
C GLY B 160 -6.66 10.53 0.78
N VAL B 161 -7.54 9.60 1.12
CA VAL B 161 -8.61 9.89 2.08
C VAL B 161 -8.09 10.27 3.47
N TYR B 162 -6.95 9.71 3.87
CA TYR B 162 -6.40 9.99 5.19
C TYR B 162 -5.36 11.09 5.17
N THR B 163 -5.30 11.81 4.06
CA THR B 163 -4.48 13.01 4.00
C THR B 163 -5.42 14.20 4.16
N PHE B 164 -6.63 13.92 4.64
CA PHE B 164 -7.61 14.96 4.94
C PHE B 164 -7.39 15.52 6.35
N GLU B 173 -17.23 16.62 7.33
CA GLU B 173 -18.24 15.59 7.09
C GLU B 173 -18.01 14.87 5.76
N GLU B 174 -17.11 15.42 4.96
CA GLU B 174 -16.82 14.85 3.64
C GLU B 174 -16.05 13.53 3.73
N LYS B 175 -15.39 13.33 4.86
CA LYS B 175 -14.67 12.08 5.10
C LYS B 175 -15.66 10.92 5.18
N ASP B 176 -16.75 11.16 5.90
CA ASP B 176 -17.77 10.13 6.10
C ASP B 176 -18.45 9.79 4.78
N HIS B 177 -18.64 10.81 3.95
CA HIS B 177 -19.26 10.60 2.64
C HIS B 177 -18.40 9.69 1.78
N ILE B 178 -17.09 9.91 1.83
CA ILE B 178 -16.16 9.08 1.08
C ILE B 178 -16.20 7.64 1.60
N HIS B 179 -16.22 7.48 2.91
CA HIS B 179 -16.27 6.14 3.49
C HIS B 179 -17.61 5.44 3.22
N ARG B 180 -18.67 6.22 3.08
CA ARG B 180 -19.97 5.64 2.73
C ARG B 180 -19.94 5.11 1.30
N VAL B 181 -19.36 5.87 0.38
CA VAL B 181 -19.24 5.41 -0.99
C VAL B 181 -18.35 4.17 -1.06
N LEU B 182 -17.25 4.20 -0.32
CA LEU B 182 -16.35 3.05 -0.24
C LEU B 182 -17.10 1.80 0.25
N ASP B 183 -17.94 1.97 1.26
CA ASP B 183 -18.76 0.85 1.78
C ASP B 183 -19.70 0.33 0.70
N LYS B 184 -20.24 1.23 -0.11
CA LYS B 184 -21.10 0.84 -1.22
C LYS B 184 -20.36 -0.04 -2.23
N ILE B 185 -19.09 0.28 -2.47
CA ILE B 185 -18.29 -0.49 -3.40
C ILE B 185 -17.96 -1.87 -2.81
N THR B 186 -17.71 -1.92 -1.51
CA THR B 186 -17.55 -3.21 -0.85
C THR B 186 -18.82 -4.04 -1.07
N ASP B 187 -19.97 -3.45 -0.80
CA ASP B 187 -21.24 -4.12 -1.05
C ASP B 187 -21.27 -4.66 -2.48
N THR B 188 -20.82 -3.83 -3.41
CA THR B 188 -20.85 -4.18 -4.83
C THR B 188 -19.99 -5.40 -5.14
N LEU B 189 -18.78 -5.43 -4.60
CA LEU B 189 -17.87 -6.55 -4.81
C LEU B 189 -18.45 -7.86 -4.29
N ILE B 190 -19.00 -7.82 -3.08
CA ILE B 190 -19.64 -9.00 -2.49
C ILE B 190 -20.78 -9.49 -3.39
N HIS B 191 -21.67 -8.58 -3.74
CA HIS B 191 -22.77 -8.88 -4.66
C HIS B 191 -22.28 -9.55 -5.93
N LEU B 192 -21.15 -9.07 -6.48
CA LEU B 192 -20.57 -9.65 -7.69
C LEU B 192 -20.06 -11.07 -7.43
N MET B 193 -19.41 -11.28 -6.30
CA MET B 193 -18.91 -12.61 -5.95
C MET B 193 -20.04 -13.60 -5.70
N ALA B 194 -21.08 -13.14 -5.03
CA ALA B 194 -22.25 -13.97 -4.76
C ALA B 194 -22.90 -14.42 -6.06
N LYS B 195 -23.18 -13.46 -6.94
CA LYS B 195 -23.79 -13.78 -8.24
C LYS B 195 -22.90 -14.71 -9.03
N ALA B 196 -21.60 -14.68 -8.75
CA ALA B 196 -20.67 -15.57 -9.42
C ALA B 196 -20.69 -16.98 -8.86
N GLY B 197 -21.43 -17.18 -7.76
CA GLY B 197 -21.59 -18.50 -7.18
C GLY B 197 -20.58 -18.85 -6.11
N LEU B 198 -19.84 -17.87 -5.63
CA LEU B 198 -18.86 -18.11 -4.56
C LEU B 198 -19.60 -18.29 -3.24
N THR B 199 -19.11 -19.23 -2.42
CA THR B 199 -19.72 -19.46 -1.11
C THR B 199 -19.48 -18.26 -0.21
N LEU B 200 -20.18 -18.21 0.91
CA LEU B 200 -20.04 -17.10 1.84
C LEU B 200 -18.60 -16.93 2.29
N GLN B 201 -17.95 -18.05 2.61
CA GLN B 201 -16.57 -18.04 3.05
C GLN B 201 -15.61 -17.58 1.94
N GLN B 202 -15.84 -18.08 0.73
CA GLN B 202 -15.05 -17.66 -0.43
C GLN B 202 -15.22 -16.17 -0.68
N GLN B 203 -16.42 -15.67 -0.44
CA GLN B 203 -16.71 -14.26 -0.63
C GLN B 203 -15.77 -13.37 0.18
N HIS B 204 -15.65 -13.64 1.48
CA HIS B 204 -14.80 -12.79 2.31
C HIS B 204 -13.31 -13.05 2.09
N GLN B 205 -12.96 -14.27 1.70
CA GLN B 205 -11.57 -14.62 1.41
C GLN B 205 -11.09 -13.92 0.14
N ARG B 206 -11.92 -13.89 -0.89
CA ARG B 206 -11.56 -13.25 -2.15
C ARG B 206 -11.51 -11.74 -1.95
N LEU B 207 -12.50 -11.19 -1.23
CA LEU B 207 -12.52 -9.76 -0.94
C LEU B 207 -11.19 -9.34 -0.34
N ALA B 208 -10.69 -10.14 0.59
CA ALA B 208 -9.41 -9.85 1.24
C ALA B 208 -8.26 -9.96 0.24
N GLN B 209 -8.26 -11.02 -0.55
CA GLN B 209 -7.21 -11.23 -1.55
C GLN B 209 -7.14 -10.03 -2.49
N LEU B 210 -8.30 -9.53 -2.89
CA LEU B 210 -8.37 -8.41 -3.84
C LEU B 210 -7.88 -7.11 -3.21
N LEU B 211 -8.27 -6.86 -1.97
CA LEU B 211 -7.91 -5.59 -1.32
C LEU B 211 -6.43 -5.54 -0.93
N LEU B 212 -5.85 -6.71 -0.63
CA LEU B 212 -4.44 -6.78 -0.30
C LEU B 212 -3.55 -6.48 -1.51
N ILE B 213 -4.08 -6.69 -2.71
CA ILE B 213 -3.38 -6.31 -3.93
C ILE B 213 -3.13 -4.82 -3.93
N LEU B 214 -4.06 -4.05 -3.36
CA LEU B 214 -3.93 -2.60 -3.32
C LEU B 214 -2.69 -2.15 -2.57
N SER B 215 -2.26 -2.95 -1.59
CA SER B 215 -1.04 -2.62 -0.86
C SER B 215 0.17 -2.71 -1.77
N HIS B 216 0.18 -3.72 -2.64
CA HIS B 216 1.26 -3.90 -3.60
CA HIS B 216 1.25 -3.90 -3.61
C HIS B 216 1.21 -2.80 -4.66
N ILE B 217 0.02 -2.43 -5.08
CA ILE B 217 -0.14 -1.34 -6.06
C ILE B 217 0.34 0.00 -5.49
N ARG B 218 0.08 0.26 -4.22
CA ARG B 218 0.62 1.45 -3.58
C ARG B 218 2.15 1.40 -3.61
N HIS B 219 2.71 0.25 -3.24
CA HIS B 219 4.15 0.07 -3.24
C HIS B 219 4.78 0.39 -4.60
N MET B 220 4.25 -0.22 -5.65
CA MET B 220 4.76 0.02 -7.00
C MET B 220 4.62 1.49 -7.40
N SER B 221 3.54 2.13 -6.98
CA SER B 221 3.35 3.54 -7.23
C SER B 221 4.46 4.37 -6.59
N ASN B 222 4.70 4.13 -5.30
CA ASN B 222 5.76 4.85 -4.58
C ASN B 222 7.11 4.72 -5.28
N LYS B 223 7.45 3.50 -5.69
CA LYS B 223 8.71 3.28 -6.39
C LYS B 223 8.69 3.94 -7.78
N GLY B 224 7.54 3.83 -8.45
CA GLY B 224 7.37 4.45 -9.75
C GLY B 224 7.52 5.95 -9.68
N MET B 225 7.05 6.54 -8.58
CA MET B 225 7.14 7.98 -8.40
C MET B 225 8.60 8.40 -8.24
N GLU B 226 9.34 7.67 -7.40
CA GLU B 226 10.76 7.93 -7.23
C GLU B 226 11.50 7.75 -8.56
N HIS B 227 11.07 6.79 -9.36
CA HIS B 227 11.73 6.53 -10.63
C HIS B 227 11.52 7.68 -11.62
N LEU B 228 10.27 8.13 -11.75
CA LEU B 228 9.96 9.25 -12.62
C LEU B 228 10.70 10.50 -12.17
N TYR B 229 10.73 10.72 -10.86
CA TYR B 229 11.45 11.85 -10.28
C TYR B 229 12.92 11.82 -10.71
N SER B 230 13.54 10.64 -10.66
CA SER B 230 14.93 10.50 -11.06
C SER B 230 15.12 10.81 -12.55
N MET B 231 14.18 10.36 -13.38
CA MET B 231 14.24 10.67 -14.80
C MET B 231 14.17 12.18 -15.04
N LYS B 232 13.34 12.86 -14.25
CA LYS B 232 13.21 14.31 -14.36
C LYS B 232 14.49 15.02 -13.95
N CSO B 233 15.03 14.64 -12.80
CA CSO B 233 16.23 15.28 -12.27
CB CSO B 233 16.37 15.04 -10.75
SG CSO B 233 14.94 15.74 -9.90
C CSO B 233 17.52 14.92 -12.98
O CSO B 233 18.59 15.44 -12.66
OD CSO B 233 15.23 17.47 -9.54
N LYS B 234 17.43 14.01 -13.96
CA LYS B 234 18.57 13.69 -14.79
C LYS B 234 18.36 14.20 -16.21
N ASN B 235 17.27 14.94 -16.40
CA ASN B 235 16.96 15.50 -17.72
C ASN B 235 16.89 14.43 -18.80
N VAL B 236 16.41 13.24 -18.44
CA VAL B 236 16.29 12.14 -19.38
C VAL B 236 15.22 12.44 -20.43
N VAL B 237 14.14 13.06 -19.98
CA VAL B 237 12.97 13.32 -20.82
C VAL B 237 12.27 14.55 -20.27
N PRO B 238 11.64 15.34 -21.15
CA PRO B 238 10.88 16.48 -20.65
C PRO B 238 9.48 16.02 -20.27
N LEU B 239 9.01 16.45 -19.10
CA LEU B 239 7.66 16.11 -18.68
C LEU B 239 6.72 17.26 -19.03
N SER B 240 5.50 16.93 -19.46
CA SER B 240 4.48 17.94 -19.69
C SER B 240 4.20 18.68 -18.39
N ASP B 241 3.61 19.87 -18.50
CA ASP B 241 3.31 20.68 -17.33
C ASP B 241 2.40 19.92 -16.36
N LEU B 242 1.42 19.21 -16.90
CA LEU B 242 0.49 18.44 -16.08
C LEU B 242 1.22 17.35 -15.30
N LEU B 243 2.03 16.56 -15.99
CA LEU B 243 2.79 15.49 -15.36
C LEU B 243 3.69 16.07 -14.27
N LEU B 244 4.31 17.21 -14.57
CA LEU B 244 5.16 17.89 -13.60
C LEU B 244 4.41 18.24 -12.31
N GLU B 245 3.16 18.69 -12.44
CA GLU B 245 2.38 19.06 -11.27
C GLU B 245 1.89 17.84 -10.47
N MET B 246 1.54 16.77 -11.18
CA MET B 246 1.13 15.54 -10.51
C MET B 246 2.31 14.96 -9.74
N LEU B 247 3.52 15.11 -10.30
CA LEU B 247 4.73 14.60 -9.64
C LEU B 247 5.09 15.47 -8.45
N ASP B 248 5.11 16.79 -8.66
CA ASP B 248 5.43 17.73 -7.59
CA ASP B 248 5.45 17.72 -7.58
C ASP B 248 4.56 17.52 -6.36
N ALA B 249 3.34 17.02 -6.57
CA ALA B 249 2.39 16.80 -5.48
C ALA B 249 2.88 15.75 -4.46
N HIS B 250 3.80 14.89 -4.90
CA HIS B 250 4.35 13.87 -4.02
C HIS B 250 5.66 14.32 -3.38
N ARG B 251 6.07 15.55 -3.73
CA ARG B 251 7.23 16.18 -3.11
C ARG B 251 8.33 15.19 -2.71
N LEU B 252 8.94 14.57 -3.72
CA LEU B 252 10.05 13.65 -3.47
C LEU B 252 11.37 14.41 -3.40
N LYS C 3 24.16 -12.21 6.64
CA LYS C 3 23.39 -11.08 7.11
C LYS C 3 22.90 -11.30 8.54
N ILE C 4 22.89 -10.23 9.33
CA ILE C 4 22.48 -10.31 10.73
C ILE C 4 21.11 -10.98 10.88
N LEU C 5 20.17 -10.59 10.03
CA LEU C 5 18.83 -11.15 10.08
C LEU C 5 18.83 -12.67 9.94
N HIS C 6 19.60 -13.18 8.98
CA HIS C 6 19.68 -14.63 8.77
C HIS C 6 20.17 -15.34 10.02
N ARG C 7 21.09 -14.70 10.73
CA ARG C 7 21.62 -15.27 11.98
C ARG C 7 20.57 -15.23 13.09
N LEU C 8 19.84 -14.13 13.17
CA LEU C 8 18.81 -13.98 14.21
C LEU C 8 17.65 -14.94 14.00
N LEU C 9 17.37 -15.26 12.74
CA LEU C 9 16.29 -16.19 12.42
C LEU C 9 16.69 -17.64 12.68
N GLN C 10 17.99 -17.89 12.84
CA GLN C 10 18.49 -19.23 13.14
C GLN C 10 18.79 -19.41 14.62
N GLU C 11 18.79 -18.31 15.37
CA GLU C 11 19.02 -18.37 16.80
C GLU C 11 17.75 -18.78 17.53
N LYS D 3 -3.05 25.96 -11.33
CA LYS D 3 -2.95 24.50 -11.34
C LYS D 3 -3.75 23.90 -12.48
N ILE D 4 -3.06 23.15 -13.34
CA ILE D 4 -3.67 22.59 -14.54
C ILE D 4 -4.81 21.63 -14.25
N LEU D 5 -4.54 20.67 -13.34
CA LEU D 5 -5.53 19.67 -12.97
C LEU D 5 -6.82 20.34 -12.49
N HIS D 6 -6.66 21.36 -11.66
CA HIS D 6 -7.78 22.13 -11.13
C HIS D 6 -8.67 22.66 -12.27
N ARG D 7 -8.03 23.15 -13.33
CA ARG D 7 -8.76 23.65 -14.50
C ARG D 7 -9.37 22.49 -15.31
N LEU D 8 -8.61 21.41 -15.48
CA LEU D 8 -9.08 20.27 -16.25
C LEU D 8 -10.30 19.61 -15.61
N LEU D 9 -10.41 19.73 -14.29
CA LEU D 9 -11.53 19.13 -13.56
C LEU D 9 -12.82 19.92 -13.76
N GLN D 10 -12.72 21.08 -14.40
CA GLN D 10 -13.88 21.93 -14.62
C GLN D 10 -14.39 21.83 -16.06
N GLU D 11 -13.47 21.55 -16.98
CA GLU D 11 -13.81 21.38 -18.39
C GLU D 11 -14.70 20.16 -18.60
OAD 27M E . 7.58 3.42 13.80
CAO 27M E . 8.76 3.53 14.47
CAJ 27M E . 9.00 2.76 15.61
CAM 27M E . 10.22 2.86 16.26
OAB 27M E . 10.44 2.13 17.38
CAF 27M E . 11.19 3.72 15.76
CAH 27M E . 10.94 4.46 14.61
CAQ 27M E . 9.75 4.34 13.91
CAL 27M E . 9.44 5.12 12.78
OAA 27M E . 8.29 5.17 12.36
CAR 27M E . 10.46 5.84 12.12
CAI 27M E . 11.80 5.52 12.29
CAG 27M E . 12.79 6.18 11.57
CAN 27M E . 12.44 7.13 10.62
OAC 27M E . 13.40 7.78 9.90
CAK 27M E . 11.10 7.42 10.39
CAP 27M E . 10.14 6.73 11.10
OAE 27M E . 8.83 7.00 10.91
C1 GOL F . -0.89 -6.30 23.04
O1 GOL F . 0.06 -5.74 22.16
C2 GOL F . -2.29 -5.99 22.52
O2 GOL F . -2.59 -4.62 22.77
C3 GOL F . -3.29 -6.90 23.20
O3 GOL F . -4.61 -6.48 22.92
C1 GOL G . -15.86 -3.14 17.86
O1 GOL G . -15.74 -1.83 17.33
C2 GOL G . -15.76 -4.15 16.73
O2 GOL G . -17.04 -4.32 16.17
C3 GOL G . -15.26 -5.47 17.26
O3 GOL G . -15.02 -6.35 16.18
OAD 27M H . 6.33 2.40 -14.35
CAO 27M H . 6.46 3.72 -14.67
CAJ 27M H . 7.63 4.40 -14.34
CAM 27M H . 7.76 5.74 -14.70
OAB 27M H . 8.88 6.42 -14.37
CAF 27M H . 6.73 6.36 -15.40
CAH 27M H . 5.57 5.65 -15.72
CAQ 27M H . 5.45 4.29 -15.43
CAL 27M H . 4.25 3.58 -15.68
OAA 27M H . 4.04 2.53 -15.08
CAR 27M H . 3.30 4.06 -16.58
CAI 27M H . 3.66 4.99 -17.57
CAG 27M H . 2.73 5.42 -18.52
CAN 27M H . 1.46 4.87 -18.56
OAC 27M H . 0.55 5.27 -19.49
CAK 27M H . 1.11 3.90 -17.64
CAP 27M H . 2.05 3.48 -16.69
OAE 27M H . 1.69 2.54 -15.76
C1 GOL I . 4.95 -3.70 -29.23
O1 GOL I . 3.98 -3.93 -30.24
C2 GOL I . 6.28 -3.32 -29.85
O2 GOL I . 6.78 -2.17 -29.19
C3 GOL I . 7.28 -4.45 -29.66
O3 GOL I . 8.00 -4.24 -28.46
C1 GOL J . -15.92 -13.50 -8.34
O1 GOL J . -16.61 -12.41 -8.92
C2 GOL J . -15.89 -14.67 -9.32
O2 GOL J . -16.24 -14.19 -10.59
C3 GOL J . -14.50 -15.29 -9.40
O3 GOL J . -14.49 -16.19 -10.50
#